data_7C2G
#
_entry.id   7C2G
#
_cell.length_a   52.854
_cell.length_b   101.343
_cell.length_c   55.765
_cell.angle_alpha   90.000
_cell.angle_beta   96.620
_cell.angle_gamma   90.000
#
_symmetry.space_group_name_H-M   'P 1 21 1'
#
loop_
_entity.id
_entity.type
_entity.pdbx_description
1 polymer 'Actin, alpha skeletal muscle'
2 polymer 2DGel3
3 non-polymer 'CALCIUM ION'
4 non-polymer "ADENOSINE-5'-TRIPHOSPHATE"
5 water water
#
loop_
_entity_poly.entity_id
_entity_poly.type
_entity_poly.pdbx_seq_one_letter_code
_entity_poly.pdbx_strand_id
1 'polypeptide(L)'
;MCDEDETTALVCDNGSGLVKAGFAGDDAPRAVFPSIVGRPRHQGVMVGMGQKDSYVGDEAQSKRGILTLKYPIE(HIC)G
IITNWDDMEKIWHHTFYNELRVAPEEHPTLLTEAPLNPKANREKMTQIMFETFNVPAMYVAIQAVLSLYASGRTTGIVLD
SGDGVTHNVPIYEGYALPHAIMRLDLAGRDLTDYLMKILTERGYSFVTTAEREIVRDIKEKLCYVALDFENEMATAASSS
SLEKSYELPDGQVITIGNERFRCPETLFQPSFIGMESAGIHETTYNSIMKCDIDIRKDLYANNVMSGGTTMYPGIADRMQ
KEITALAPSTMKIKIIAPPERKYSVWIGGSILASLSTFQQMWITKQEYDEAGPSIVHRKCF
;
A
2 'polypeptide(L)'
;GPMTEPTVFHIQKGRLVRMSDPGAFGRGDCYLVDAGPKIYLWIGPKSTADEKFLTAASAVFKDTERKGHADIDRIEGGKE
PEEFKVLFDDFQLTDEDTEGILRRVQLEKREYKLWRVHHEGDDTFFAEVPLSRSSLRSDDVYLVDTWDDIFVWRGKDASA
REKFDGTMLARRYDAERVGVQEIELIEDGSEPEEFWRSFD
;
G
#
# COMPACT_ATOMS: atom_id res chain seq x y z
N THR A 7 21.99 -12.42 -5.40
CA THR A 7 20.99 -12.53 -4.34
C THR A 7 19.90 -11.48 -4.51
N THR A 8 18.81 -11.64 -3.77
CA THR A 8 17.58 -10.91 -4.01
C THR A 8 17.31 -9.90 -2.89
N ALA A 9 16.79 -8.74 -3.28
CA ALA A 9 16.54 -7.68 -2.32
C ALA A 9 15.22 -7.89 -1.60
N LEU A 10 15.12 -7.37 -0.39
CA LEU A 10 13.89 -7.37 0.39
C LEU A 10 13.33 -5.97 0.40
N VAL A 11 12.01 -5.89 0.47
CA VAL A 11 11.31 -4.61 0.47
C VAL A 11 10.37 -4.59 1.67
N CYS A 12 10.50 -3.56 2.51
CA CYS A 12 9.65 -3.42 3.69
CA CYS A 12 9.66 -3.42 3.69
C CYS A 12 9.05 -2.02 3.70
N ASP A 13 7.72 -1.96 3.65
CA ASP A 13 6.97 -0.70 3.69
C ASP A 13 6.28 -0.69 5.05
N ASN A 14 6.85 0.04 6.01
CA ASN A 14 6.33 0.01 7.37
C ASN A 14 5.30 1.12 7.55
N GLY A 15 4.05 0.73 7.78
CA GLY A 15 2.96 1.67 7.95
C GLY A 15 2.48 1.73 9.40
N SER A 16 1.68 2.77 9.68
CA SER A 16 1.10 2.95 11.02
C SER A 16 0.26 1.75 11.43
N GLY A 17 -0.47 1.18 10.47
CA GLY A 17 -1.38 0.09 10.78
C GLY A 17 -0.91 -1.27 10.29
N LEU A 18 -0.28 -1.31 9.11
CA LEU A 18 0.14 -2.55 8.47
C LEU A 18 1.58 -2.50 8.01
N VAL A 19 2.29 -3.60 8.23
CA VAL A 19 3.57 -3.86 7.57
C VAL A 19 3.28 -4.58 6.27
N LYS A 20 3.90 -4.11 5.19
CA LYS A 20 3.86 -4.77 3.89
C LYS A 20 5.28 -5.15 3.55
N ALA A 21 5.55 -6.45 3.40
CA ALA A 21 6.92 -6.89 3.15
C ALA A 21 6.96 -8.02 2.13
N GLY A 22 8.10 -8.14 1.47
CA GLY A 22 8.25 -9.21 0.49
C GLY A 22 9.57 -9.10 -0.25
N PHE A 23 9.60 -9.70 -1.43
CA PHE A 23 10.83 -9.82 -2.20
C PHE A 23 10.75 -8.93 -3.44
N ALA A 24 11.82 -8.18 -3.69
CA ALA A 24 11.88 -7.36 -4.88
C ALA A 24 11.62 -8.22 -6.11
N GLY A 25 10.79 -7.70 -7.00
CA GLY A 25 10.40 -8.41 -8.20
C GLY A 25 9.06 -9.10 -8.10
N ASP A 26 8.56 -9.34 -6.89
CA ASP A 26 7.18 -9.78 -6.73
C ASP A 26 6.22 -8.63 -7.02
N ASP A 27 5.02 -8.97 -7.48
CA ASP A 27 4.05 -7.95 -7.86
C ASP A 27 3.10 -7.59 -6.73
N ALA A 28 3.28 -8.19 -5.56
CA ALA A 28 2.46 -7.91 -4.38
C ALA A 28 3.27 -8.29 -3.16
N PRO A 29 3.04 -7.64 -2.02
CA PRO A 29 3.77 -8.03 -0.80
C PRO A 29 3.27 -9.38 -0.29
N ARG A 30 4.19 -10.28 0.00
CA ARG A 30 3.76 -11.61 0.45
C ARG A 30 3.49 -11.67 1.95
N ALA A 31 3.93 -10.68 2.72
CA ALA A 31 3.64 -10.59 4.15
C ALA A 31 2.93 -9.26 4.40
N VAL A 32 1.73 -9.33 4.97
CA VAL A 32 0.97 -8.14 5.35
C VAL A 32 0.40 -8.45 6.72
N PHE A 33 0.80 -7.68 7.73
CA PHE A 33 0.38 -8.01 9.10
C PHE A 33 0.32 -6.73 9.92
N PRO A 34 -0.46 -6.73 11.01
CA PRO A 34 -0.60 -5.51 11.82
C PRO A 34 0.70 -5.05 12.46
N SER A 35 0.96 -3.74 12.39
CA SER A 35 2.17 -3.14 12.98
CA SER A 35 2.17 -3.15 12.99
CA SER A 35 2.15 -3.13 12.99
C SER A 35 1.93 -2.92 14.49
N ILE A 36 1.82 -4.03 15.20
CA ILE A 36 1.49 -4.03 16.62
CA ILE A 36 1.47 -4.04 16.62
C ILE A 36 2.43 -4.97 17.34
N VAL A 37 2.93 -4.52 18.48
CA VAL A 37 3.80 -5.32 19.33
C VAL A 37 3.12 -5.49 20.69
N GLY A 38 3.00 -6.72 21.13
CA GLY A 38 2.37 -7.04 22.41
C GLY A 38 3.42 -7.60 23.36
N ARG A 39 3.38 -7.13 24.59
CA ARG A 39 4.29 -7.63 25.62
C ARG A 39 3.47 -8.01 26.85
N PRO A 40 3.71 -9.18 27.43
CA PRO A 40 2.98 -9.56 28.66
C PRO A 40 3.63 -8.93 29.89
N ARG A 41 3.27 -7.68 30.15
CA ARG A 41 3.89 -6.92 31.22
C ARG A 41 3.32 -7.33 32.58
N HIS A 42 4.21 -7.41 33.57
CA HIS A 42 3.85 -7.70 34.96
C HIS A 42 3.00 -8.96 35.04
N GLN A 43 3.64 -10.07 34.70
CA GLN A 43 2.96 -11.36 34.52
C GLN A 43 1.90 -11.26 33.43
N GLN A 51 9.77 -18.20 27.85
CA GLN A 51 10.58 -17.00 28.03
C GLN A 51 10.42 -16.04 26.86
N LYS A 52 9.52 -16.37 25.94
CA LYS A 52 9.23 -15.46 24.84
C LYS A 52 8.55 -14.21 25.38
N ASP A 53 9.18 -13.05 25.17
CA ASP A 53 8.82 -11.82 25.85
C ASP A 53 8.06 -10.84 24.97
N SER A 54 7.69 -11.21 23.74
CA SER A 54 6.94 -10.29 22.89
C SER A 54 6.27 -11.05 21.76
N TYR A 55 5.13 -10.51 21.32
CA TYR A 55 4.37 -11.03 20.20
C TYR A 55 4.13 -9.91 19.20
N VAL A 56 3.98 -10.27 17.93
CA VAL A 56 3.84 -9.30 16.86
C VAL A 56 2.64 -9.67 15.99
N GLY A 57 1.98 -8.65 15.43
CA GLY A 57 1.04 -8.92 14.38
C GLY A 57 -0.26 -9.56 14.83
N ASP A 58 -0.75 -10.52 14.04
CA ASP A 58 -2.05 -11.11 14.31
C ASP A 58 -2.07 -11.84 15.64
N GLU A 59 -0.98 -12.53 15.98
CA GLU A 59 -0.92 -13.22 17.27
C GLU A 59 -1.05 -12.23 18.42
N ALA A 60 -0.35 -11.10 18.32
CA ALA A 60 -0.40 -10.09 19.37
C ALA A 60 -1.80 -9.51 19.52
N GLN A 61 -2.40 -9.12 18.40
CA GLN A 61 -3.71 -8.48 18.46
C GLN A 61 -4.78 -9.43 18.99
N SER A 62 -4.62 -10.73 18.75
CA SER A 62 -5.57 -11.71 19.27
C SER A 62 -5.46 -11.89 20.79
N LYS A 63 -4.29 -11.61 21.37
CA LYS A 63 -4.08 -11.80 22.80
C LYS A 63 -4.10 -10.49 23.58
N ARG A 64 -4.91 -9.54 23.14
CA ARG A 64 -4.96 -8.23 23.81
C ARG A 64 -5.32 -8.36 25.28
N GLY A 65 -6.08 -9.40 25.64
CA GLY A 65 -6.53 -9.55 27.02
C GLY A 65 -5.43 -9.82 28.02
N ILE A 66 -4.28 -10.31 27.56
CA ILE A 66 -3.14 -10.54 28.44
C ILE A 66 -1.90 -9.77 28.03
N LEU A 67 -1.90 -9.12 26.88
CA LEU A 67 -0.76 -8.35 26.41
C LEU A 67 -1.05 -6.86 26.51
N THR A 68 0.02 -6.09 26.75
CA THR A 68 -0.03 -4.64 26.51
C THR A 68 0.40 -4.39 25.07
N LEU A 69 -0.52 -3.84 24.26
CA LEU A 69 -0.30 -3.63 22.83
C LEU A 69 0.13 -2.19 22.55
N LYS A 70 1.11 -2.04 21.67
CA LYS A 70 1.59 -0.72 21.29
C LYS A 70 1.81 -0.68 19.79
N TYR A 71 1.57 0.51 19.20
CA TYR A 71 1.86 0.75 17.79
C TYR A 71 3.18 1.50 17.70
N PRO A 72 4.25 0.90 17.19
CA PRO A 72 5.55 1.61 17.16
C PRO A 72 5.60 2.74 16.14
N ILE A 73 4.68 2.76 15.18
CA ILE A 73 4.66 3.79 14.14
C ILE A 73 3.44 4.67 14.36
N GLU A 74 3.65 5.97 14.60
CA GLU A 74 2.55 6.89 14.87
C GLU A 74 2.48 7.91 13.75
N GLY A 76 2.69 7.55 10.71
CA GLY A 76 3.69 7.28 9.71
C GLY A 76 5.14 7.34 10.17
N ILE A 77 5.40 7.85 11.37
CA ILE A 77 6.76 8.08 11.86
C ILE A 77 7.08 7.03 12.92
N ILE A 78 8.21 6.35 12.76
CA ILE A 78 8.65 5.40 13.78
C ILE A 78 8.94 6.15 15.07
N THR A 79 8.27 5.77 16.14
CA THR A 79 8.49 6.45 17.42
CA THR A 79 8.37 6.42 17.45
C THR A 79 8.96 5.52 18.54
N ASN A 80 8.66 4.24 18.52
CA ASN A 80 9.13 3.32 19.55
C ASN A 80 10.15 2.36 18.93
N TRP A 81 11.43 2.60 19.17
CA TRP A 81 12.46 1.85 18.45
C TRP A 81 12.64 0.43 18.99
N ASP A 82 12.42 0.21 20.29
CA ASP A 82 12.52 -1.15 20.81
C ASP A 82 11.46 -2.05 20.16
N ASP A 83 10.24 -1.55 20.04
CA ASP A 83 9.18 -2.34 19.40
C ASP A 83 9.37 -2.40 17.90
N MET A 84 9.92 -1.35 17.28
CA MET A 84 10.14 -1.41 15.84
C MET A 84 11.16 -2.50 15.49
N GLU A 85 12.18 -2.67 16.33
CA GLU A 85 13.12 -3.77 16.14
C GLU A 85 12.42 -5.11 16.19
N LYS A 86 11.44 -5.26 17.07
CA LYS A 86 10.68 -6.50 17.12
C LYS A 86 9.89 -6.73 15.84
N ILE A 87 9.33 -5.64 15.27
CA ILE A 87 8.58 -5.74 14.02
C ILE A 87 9.50 -6.20 12.90
N TRP A 88 10.69 -5.60 12.81
CA TRP A 88 11.62 -5.97 11.74
C TRP A 88 12.14 -7.39 11.93
N HIS A 89 12.44 -7.78 13.18
CA HIS A 89 12.87 -9.15 13.44
C HIS A 89 11.81 -10.15 13.02
N HIS A 90 10.56 -9.88 13.38
CA HIS A 90 9.43 -10.71 12.95
C HIS A 90 9.34 -10.76 11.43
N THR A 91 9.45 -9.61 10.77
CA THR A 91 9.37 -9.56 9.32
C THR A 91 10.41 -10.49 8.68
N PHE A 92 11.68 -10.35 9.07
CA PHE A 92 12.76 -11.11 8.45
C PHE A 92 12.62 -12.60 8.76
N TYR A 93 12.47 -12.94 10.03
CA TYR A 93 12.69 -14.32 10.47
C TYR A 93 11.41 -15.14 10.49
N ASN A 94 10.28 -14.53 10.85
CA ASN A 94 9.02 -15.26 10.97
C ASN A 94 8.20 -15.21 9.70
N GLU A 95 8.07 -14.03 9.09
CA GLU A 95 7.22 -13.89 7.93
C GLU A 95 7.93 -14.33 6.66
N LEU A 96 9.08 -13.71 6.37
CA LEU A 96 9.78 -13.99 5.12
C LEU A 96 10.68 -15.21 5.23
N ARG A 97 11.13 -15.53 6.44
CA ARG A 97 12.02 -16.67 6.70
C ARG A 97 13.32 -16.54 5.91
N VAL A 98 13.96 -15.37 6.02
CA VAL A 98 15.23 -15.12 5.38
C VAL A 98 16.25 -14.69 6.43
N ALA A 99 17.51 -14.75 6.04
CA ALA A 99 18.62 -14.28 6.84
C ALA A 99 18.96 -12.87 6.39
N PRO A 100 18.71 -11.84 7.21
CA PRO A 100 18.89 -10.47 6.71
C PRO A 100 20.32 -10.16 6.26
N GLU A 101 21.33 -10.81 6.85
CA GLU A 101 22.69 -10.52 6.43
C GLU A 101 22.97 -10.96 4.99
N GLU A 102 22.04 -11.65 4.35
CA GLU A 102 22.23 -12.10 2.98
C GLU A 102 21.47 -11.27 1.95
N HIS A 103 20.69 -10.28 2.37
CA HIS A 103 19.79 -9.57 1.44
C HIS A 103 19.89 -8.06 1.63
N PRO A 104 20.25 -7.30 0.58
CA PRO A 104 20.01 -5.85 0.59
C PRO A 104 18.55 -5.57 0.93
N THR A 105 18.31 -4.53 1.73
CA THR A 105 16.96 -4.26 2.21
C THR A 105 16.55 -2.83 1.92
N LEU A 106 15.41 -2.67 1.27
CA LEU A 106 14.86 -1.35 0.97
CA LEU A 106 14.86 -1.35 0.97
C LEU A 106 13.77 -1.07 2.00
N LEU A 107 13.85 0.10 2.64
CA LEU A 107 12.83 0.54 3.58
C LEU A 107 12.18 1.79 3.03
N THR A 108 10.99 2.09 3.52
CA THR A 108 10.29 3.30 3.10
C THR A 108 10.15 4.25 4.27
N GLU A 109 9.94 5.54 3.97
CA GLU A 109 9.77 6.53 5.02
C GLU A 109 8.66 7.52 4.67
N ALA A 110 8.05 8.07 5.72
CA ALA A 110 6.97 9.04 5.58
C ALA A 110 7.48 10.36 5.04
N PRO A 111 6.58 11.21 4.54
CA PRO A 111 6.98 12.59 4.23
C PRO A 111 7.45 13.30 5.49
N LEU A 112 8.44 14.15 5.32
CA LEU A 112 8.97 14.98 6.41
C LEU A 112 9.56 14.14 7.55
N ASN A 113 10.02 12.92 7.24
CA ASN A 113 10.71 12.12 8.25
C ASN A 113 11.97 12.83 8.74
N PRO A 114 12.14 13.02 10.05
CA PRO A 114 13.32 13.74 10.53
C PRO A 114 14.61 13.04 10.16
N LYS A 115 15.66 13.84 9.98
CA LYS A 115 16.96 13.26 9.63
C LYS A 115 17.43 12.25 10.68
N ALA A 116 17.23 12.54 11.97
CA ALA A 116 17.72 11.63 13.00
C ALA A 116 16.98 10.30 12.96
N ASN A 117 15.74 10.33 12.52
CA ASN A 117 14.93 9.12 12.40
C ASN A 117 15.48 8.22 11.30
N ARG A 118 15.68 8.78 10.10
CA ARG A 118 16.31 8.02 9.02
C ARG A 118 17.67 7.49 9.44
N GLU A 119 18.44 8.27 10.21
CA GLU A 119 19.76 7.79 10.63
C GLU A 119 19.64 6.60 11.59
N LYS A 120 18.62 6.61 12.46
CA LYS A 120 18.45 5.50 13.38
C LYS A 120 17.98 4.24 12.67
N MET A 121 17.10 4.39 11.67
CA MET A 121 16.71 3.27 10.82
C MET A 121 17.96 2.63 10.23
N THR A 122 18.87 3.47 9.71
CA THR A 122 20.08 2.95 9.07
C THR A 122 21.00 2.25 10.06
N GLN A 123 21.19 2.86 11.24
CA GLN A 123 21.97 2.26 12.31
C GLN A 123 21.46 0.87 12.67
N ILE A 124 20.13 0.74 12.84
CA ILE A 124 19.57 -0.55 13.26
C ILE A 124 19.75 -1.59 12.17
N MET A 125 19.50 -1.22 10.91
CA MET A 125 19.64 -2.20 9.82
C MET A 125 21.06 -2.73 9.73
N PHE A 126 22.05 -1.86 9.89
CA PHE A 126 23.44 -2.31 9.74
C PHE A 126 23.97 -2.94 11.03
N GLU A 127 23.63 -2.36 12.19
CA GLU A 127 24.25 -2.82 13.43
C GLU A 127 23.49 -3.93 14.11
N THR A 128 22.16 -3.96 13.99
CA THR A 128 21.37 -5.04 14.59
C THR A 128 21.15 -6.20 13.62
N PHE A 129 20.80 -5.91 12.37
CA PHE A 129 20.45 -6.97 11.43
C PHE A 129 21.56 -7.29 10.43
N ASN A 130 22.62 -6.47 10.38
CA ASN A 130 23.81 -6.74 9.57
C ASN A 130 23.49 -6.93 8.08
N VAL A 131 22.55 -6.15 7.56
CA VAL A 131 22.23 -6.21 6.13
C VAL A 131 23.47 -5.85 5.34
N PRO A 132 23.66 -6.40 4.12
CA PRO A 132 24.84 -6.02 3.33
C PRO A 132 24.70 -4.67 2.64
N ALA A 133 23.47 -4.21 2.41
CA ALA A 133 23.22 -2.93 1.77
C ALA A 133 21.81 -2.49 2.12
N MET A 134 21.55 -1.19 2.01
CA MET A 134 20.19 -0.73 2.27
C MET A 134 19.91 0.55 1.50
N TYR A 135 18.62 0.89 1.45
CA TYR A 135 18.17 2.11 0.82
C TYR A 135 16.89 2.52 1.53
N VAL A 136 16.67 3.83 1.60
CA VAL A 136 15.45 4.39 2.18
C VAL A 136 14.80 5.28 1.13
N ALA A 137 13.56 4.94 0.75
CA ALA A 137 12.83 5.68 -0.26
C ALA A 137 11.62 6.38 0.38
N ILE A 138 11.25 7.54 -0.19
CA ILE A 138 10.07 8.26 0.27
C ILE A 138 8.80 7.62 -0.30
N GLN A 139 7.85 7.29 0.57
CA GLN A 139 6.68 6.52 0.15
C GLN A 139 5.94 7.17 -1.00
N ALA A 140 5.68 8.48 -0.90
CA ALA A 140 4.87 9.15 -1.91
C ALA A 140 5.57 9.18 -3.27
N VAL A 141 6.89 9.31 -3.29
CA VAL A 141 7.62 9.31 -4.55
C VAL A 141 7.55 7.94 -5.20
N LEU A 142 7.68 6.87 -4.41
CA LEU A 142 7.49 5.52 -4.96
C LEU A 142 6.12 5.38 -5.64
N SER A 143 5.06 5.88 -5.01
CA SER A 143 3.74 5.76 -5.64
C SER A 143 3.65 6.58 -6.92
N LEU A 144 4.21 7.80 -6.91
CA LEU A 144 4.13 8.64 -8.10
C LEU A 144 4.89 8.03 -9.26
N TYR A 145 6.09 7.53 -9.01
CA TYR A 145 6.88 6.91 -10.08
C TYR A 145 6.16 5.68 -10.63
N ALA A 146 5.54 4.88 -9.74
CA ALA A 146 4.84 3.67 -10.21
C ALA A 146 3.68 3.99 -11.13
N SER A 147 3.14 5.20 -11.08
CA SER A 147 2.12 5.66 -12.01
C SER A 147 2.71 6.25 -13.28
N GLY A 148 4.03 6.26 -13.41
CA GLY A 148 4.68 6.81 -14.58
C GLY A 148 4.76 8.33 -14.59
N ARG A 149 4.95 8.96 -13.42
CA ARG A 149 4.98 10.41 -13.33
C ARG A 149 6.19 10.87 -12.55
N THR A 150 6.77 12.00 -12.96
CA THR A 150 7.76 12.71 -12.16
C THR A 150 7.18 13.89 -11.41
N THR A 151 6.00 14.36 -11.81
CA THR A 151 5.33 15.53 -11.25
C THR A 151 3.88 15.21 -10.96
N GLY A 152 3.41 15.62 -9.78
CA GLY A 152 2.04 15.40 -9.40
C GLY A 152 1.86 15.66 -7.93
N ILE A 153 0.63 15.52 -7.46
CA ILE A 153 0.40 15.66 -6.03
C ILE A 153 -0.25 14.38 -5.54
N VAL A 154 0.42 13.72 -4.59
CA VAL A 154 -0.02 12.41 -4.10
C VAL A 154 -0.92 12.64 -2.91
N LEU A 155 -2.09 11.96 -2.91
CA LEU A 155 -2.92 11.87 -1.73
C LEU A 155 -2.69 10.47 -1.20
N ASP A 156 -1.94 10.36 -0.10
CA ASP A 156 -1.61 9.07 0.52
C ASP A 156 -2.42 8.95 1.81
N SER A 157 -3.41 8.06 1.81
CA SER A 157 -4.27 7.89 2.99
C SER A 157 -4.20 6.44 3.41
N GLY A 158 -3.65 6.20 4.59
CA GLY A 158 -3.39 4.85 5.07
C GLY A 158 -4.27 4.49 6.26
N ASP A 159 -3.64 4.00 7.32
CA ASP A 159 -4.38 3.64 8.51
C ASP A 159 -4.29 4.69 9.60
N GLY A 160 -3.18 5.43 9.69
CA GLY A 160 -3.04 6.41 10.75
C GLY A 160 -2.94 7.86 10.30
N VAL A 161 -2.51 8.09 9.06
CA VAL A 161 -2.26 9.44 8.59
C VAL A 161 -2.65 9.56 7.12
N THR A 162 -3.07 10.78 6.74
CA THR A 162 -3.30 11.17 5.36
C THR A 162 -2.38 12.35 5.03
N HIS A 163 -1.60 12.24 3.96
CA HIS A 163 -0.74 13.33 3.52
C HIS A 163 -1.12 13.76 2.11
N ASN A 164 -0.96 15.06 1.83
CA ASN A 164 -0.87 15.57 0.45
C ASN A 164 0.59 15.92 0.20
N VAL A 165 1.18 15.31 -0.83
CA VAL A 165 2.60 15.48 -1.12
C VAL A 165 2.76 15.96 -2.56
N PRO A 166 2.94 17.27 -2.77
CA PRO A 166 3.31 17.76 -4.10
C PRO A 166 4.73 17.37 -4.45
N ILE A 167 4.93 16.93 -5.68
CA ILE A 167 6.23 16.47 -6.14
C ILE A 167 6.49 17.14 -7.49
N TYR A 168 7.65 17.78 -7.63
CA TYR A 168 8.00 18.44 -8.89
C TYR A 168 9.27 17.83 -9.46
N GLU A 169 9.14 17.24 -10.66
CA GLU A 169 10.25 16.62 -11.38
C GLU A 169 11.11 15.78 -10.44
N GLY A 170 10.44 14.92 -9.66
CA GLY A 170 11.04 13.89 -8.88
C GLY A 170 11.29 14.22 -7.42
N TYR A 171 11.09 15.48 -7.02
N TYR A 171 11.10 15.47 -7.01
CA TYR A 171 11.44 16.00 -5.70
CA TYR A 171 11.46 15.86 -5.66
C TYR A 171 10.18 16.45 -4.96
C TYR A 171 10.26 16.46 -4.94
N ALA A 172 9.99 15.93 -3.75
CA ALA A 172 8.89 16.40 -2.93
C ALA A 172 9.14 17.83 -2.50
N LEU A 173 8.05 18.61 -2.40
CA LEU A 173 8.16 20.02 -2.03
C LEU A 173 7.76 20.17 -0.57
N PRO A 174 8.71 20.14 0.38
CA PRO A 174 8.33 19.98 1.79
C PRO A 174 7.48 21.12 2.34
N HIS A 175 7.68 22.34 1.87
CA HIS A 175 6.91 23.46 2.41
C HIS A 175 5.42 23.34 2.09
N ALA A 176 5.04 22.56 1.08
CA ALA A 176 3.66 22.45 0.69
C ALA A 176 3.02 21.13 1.11
N ILE A 177 3.76 20.24 1.76
CA ILE A 177 3.16 19.00 2.24
C ILE A 177 2.16 19.33 3.35
N MET A 178 0.96 18.76 3.24
CA MET A 178 -0.05 18.82 4.30
C MET A 178 -0.23 17.48 4.97
N ARG A 179 -0.51 17.50 6.27
CA ARG A 179 -0.72 16.29 7.07
C ARG A 179 -2.08 16.39 7.72
N LEU A 180 -2.88 15.33 7.62
CA LEU A 180 -4.18 15.27 8.27
C LEU A 180 -4.21 14.00 9.11
N ASP A 181 -4.41 14.14 10.42
CA ASP A 181 -4.29 12.99 11.33
C ASP A 181 -5.63 12.25 11.43
N LEU A 182 -6.09 11.83 10.26
CA LEU A 182 -7.34 11.11 10.11
CA LEU A 182 -7.34 11.11 10.11
C LEU A 182 -7.16 10.15 8.95
N ALA A 183 -7.38 8.86 9.18
CA ALA A 183 -7.28 7.90 8.09
C ALA A 183 -8.05 6.66 8.49
N GLY A 184 -7.58 5.49 8.05
CA GLY A 184 -8.42 4.30 8.04
C GLY A 184 -8.87 3.84 9.43
N ARG A 185 -7.99 3.98 10.43
CA ARG A 185 -8.34 3.52 11.77
C ARG A 185 -9.47 4.35 12.35
N ASP A 186 -9.48 5.65 12.06
CA ASP A 186 -10.58 6.51 12.49
C ASP A 186 -11.89 6.14 11.80
N LEU A 187 -11.83 5.75 10.53
CA LEU A 187 -13.03 5.34 9.81
CA LEU A 187 -13.03 5.34 9.81
C LEU A 187 -13.57 4.03 10.37
N THR A 188 -12.69 3.06 10.65
CA THR A 188 -13.13 1.84 11.31
C THR A 188 -13.83 2.15 12.62
N ASP A 189 -13.21 3.01 13.43
CA ASP A 189 -13.79 3.33 14.75
C ASP A 189 -15.13 4.03 14.61
N TYR A 190 -15.28 4.89 13.60
CA TYR A 190 -16.56 5.58 13.38
C TYR A 190 -17.63 4.61 12.91
N LEU A 191 -17.30 3.72 11.97
CA LEU A 191 -18.29 2.71 11.57
C LEU A 191 -18.71 1.85 12.76
N MET A 192 -17.75 1.45 13.60
CA MET A 192 -18.10 0.68 14.79
C MET A 192 -19.03 1.49 15.68
N LYS A 193 -18.79 2.78 15.82
CA LYS A 193 -19.66 3.60 16.66
C LYS A 193 -21.08 3.65 16.11
N ILE A 194 -21.22 3.89 14.80
CA ILE A 194 -22.56 4.04 14.27
C ILE A 194 -23.28 2.70 14.18
N LEU A 195 -22.54 1.59 14.02
CA LEU A 195 -23.19 0.28 14.06
C LEU A 195 -23.55 -0.10 15.48
N THR A 196 -22.78 0.34 16.47
CA THR A 196 -23.16 0.09 17.85
C THR A 196 -24.40 0.90 18.22
N GLU A 197 -24.59 2.07 17.59
CA GLU A 197 -25.81 2.83 17.83
C GLU A 197 -27.04 2.12 17.28
N ARG A 198 -26.87 1.19 16.34
CA ARG A 198 -27.96 0.35 15.87
C ARG A 198 -28.19 -0.86 16.76
N GLY A 199 -27.46 -0.99 17.86
CA GLY A 199 -27.68 -2.06 18.82
C GLY A 199 -26.78 -3.26 18.70
N TYR A 200 -25.74 -3.22 17.87
CA TYR A 200 -24.75 -4.28 17.79
C TYR A 200 -23.64 -4.04 18.81
N SER A 201 -22.87 -5.09 19.07
CA SER A 201 -21.75 -5.04 20.01
C SER A 201 -20.55 -5.64 19.32
N PHE A 202 -19.43 -4.91 19.28
CA PHE A 202 -18.21 -5.37 18.60
C PHE A 202 -17.05 -5.28 19.58
N VAL A 203 -16.80 -6.36 20.31
CA VAL A 203 -15.77 -6.35 21.34
CA VAL A 203 -15.79 -6.38 21.37
C VAL A 203 -14.71 -7.41 21.11
N THR A 204 -15.10 -8.59 20.62
CA THR A 204 -14.13 -9.66 20.40
C THR A 204 -13.31 -9.39 19.15
N THR A 205 -12.20 -10.14 19.02
CA THR A 205 -11.35 -9.97 17.84
C THR A 205 -12.13 -10.22 16.56
N ALA A 206 -12.95 -11.27 16.54
CA ALA A 206 -13.72 -11.58 15.33
C ALA A 206 -14.78 -10.52 15.07
N GLU A 207 -15.37 -9.97 16.11
CA GLU A 207 -16.34 -8.90 15.90
C GLU A 207 -15.69 -7.65 15.33
N ARG A 208 -14.48 -7.30 15.81
CA ARG A 208 -13.81 -6.14 15.26
C ARG A 208 -13.38 -6.38 13.81
N GLU A 209 -13.03 -7.61 13.46
CA GLU A 209 -12.76 -7.95 12.07
C GLU A 209 -14.01 -7.78 11.20
N ILE A 210 -15.19 -8.05 11.73
CA ILE A 210 -16.42 -7.86 10.96
C ILE A 210 -16.57 -6.40 10.56
N VAL A 211 -16.33 -5.48 11.49
CA VAL A 211 -16.44 -4.05 11.17
C VAL A 211 -15.45 -3.69 10.07
N ARG A 212 -14.22 -4.16 10.19
CA ARG A 212 -13.22 -3.86 9.16
C ARG A 212 -13.65 -4.41 7.81
N ASP A 213 -14.18 -5.64 7.79
CA ASP A 213 -14.61 -6.25 6.54
C ASP A 213 -15.78 -5.50 5.91
N ILE A 214 -16.76 -5.09 6.73
CA ILE A 214 -17.87 -4.29 6.24
C ILE A 214 -17.37 -2.98 5.67
N LYS A 215 -16.43 -2.32 6.37
CA LYS A 215 -15.91 -1.07 5.84
C LYS A 215 -15.30 -1.27 4.46
N GLU A 216 -14.51 -2.32 4.29
CA GLU A 216 -13.77 -2.46 3.04
C GLU A 216 -14.61 -3.05 1.91
N LYS A 217 -15.76 -3.64 2.22
CA LYS A 217 -16.59 -4.30 1.21
CA LYS A 217 -16.59 -4.30 1.21
C LYS A 217 -17.88 -3.57 0.88
N LEU A 218 -18.47 -2.84 1.84
CA LEU A 218 -19.76 -2.21 1.63
C LEU A 218 -19.72 -0.69 1.56
N CYS A 219 -18.67 -0.03 2.06
CA CYS A 219 -18.72 1.42 2.13
C CYS A 219 -18.35 2.05 0.79
N TYR A 220 -18.77 3.31 0.61
CA TYR A 220 -18.47 4.06 -0.61
C TYR A 220 -18.60 5.55 -0.33
N VAL A 221 -18.02 6.37 -1.21
CA VAL A 221 -18.09 7.83 -1.09
C VAL A 221 -19.21 8.32 -2.01
N ALA A 222 -20.16 9.04 -1.43
CA ALA A 222 -21.26 9.61 -2.19
C ALA A 222 -20.77 10.77 -3.05
N LEU A 223 -21.29 10.88 -4.27
CA LEU A 223 -20.93 12.03 -5.10
C LEU A 223 -21.50 13.31 -4.51
N ASP A 224 -22.73 13.28 -4.01
CA ASP A 224 -23.33 14.40 -3.30
C ASP A 224 -23.95 13.87 -2.02
N PHE A 225 -23.34 14.22 -0.88
CA PHE A 225 -23.71 13.62 0.40
C PHE A 225 -25.17 13.89 0.76
N GLU A 226 -25.59 15.16 0.67
CA GLU A 226 -26.95 15.50 1.08
C GLU A 226 -28.00 14.81 0.21
N ASN A 227 -27.75 14.76 -1.11
CA ASN A 227 -28.68 14.04 -1.99
C ASN A 227 -28.69 12.55 -1.65
N GLU A 228 -27.53 11.99 -1.31
CA GLU A 228 -27.49 10.56 -1.01
C GLU A 228 -28.21 10.24 0.29
N MET A 229 -28.07 11.11 1.30
CA MET A 229 -28.86 10.97 2.53
C MET A 229 -30.34 11.00 2.24
N ALA A 230 -30.78 11.88 1.33
CA ALA A 230 -32.20 11.94 0.98
C ALA A 230 -32.66 10.66 0.30
N THR A 231 -31.83 10.11 -0.59
CA THR A 231 -32.18 8.84 -1.22
C THR A 231 -32.30 7.74 -0.18
N ALA A 232 -31.33 7.68 0.75
CA ALA A 232 -31.35 6.66 1.79
C ALA A 232 -32.57 6.80 2.69
N ALA A 233 -33.08 8.02 2.84
CA ALA A 233 -34.24 8.20 3.71
C ALA A 233 -35.55 7.81 3.02
N SER A 234 -35.60 7.85 1.71
CA SER A 234 -36.86 7.69 0.98
C SER A 234 -37.04 6.29 0.39
N SER A 235 -36.00 5.46 0.36
CA SER A 235 -36.12 4.11 -0.20
C SER A 235 -35.04 3.24 0.42
N SER A 236 -35.13 1.94 0.16
CA SER A 236 -34.12 1.00 0.62
C SER A 236 -33.16 0.58 -0.48
N SER A 237 -33.08 1.37 -1.57
CA SER A 237 -32.24 1.00 -2.71
CA SER A 237 -32.24 1.00 -2.71
C SER A 237 -30.75 1.11 -2.40
N LEU A 238 -30.37 1.82 -1.34
CA LEU A 238 -28.96 1.92 -1.01
C LEU A 238 -28.54 0.92 0.07
N GLU A 239 -29.45 0.07 0.54
CA GLU A 239 -29.06 -0.90 1.55
C GLU A 239 -28.28 -2.04 0.90
N LYS A 240 -27.33 -2.57 1.66
CA LYS A 240 -26.55 -3.71 1.23
C LYS A 240 -26.20 -4.52 2.47
N SER A 241 -26.07 -5.83 2.29
CA SER A 241 -25.97 -6.73 3.43
C SER A 241 -24.62 -7.43 3.48
N TYR A 242 -24.21 -7.78 4.68
CA TYR A 242 -22.98 -8.54 4.96
C TYR A 242 -23.38 -9.78 5.74
N GLU A 243 -23.05 -10.96 5.22
CA GLU A 243 -23.40 -12.21 5.89
C GLU A 243 -22.24 -12.70 6.74
N LEU A 244 -22.51 -12.95 8.04
CA LEU A 244 -21.49 -13.45 8.95
C LEU A 244 -21.27 -14.94 8.72
N PRO A 245 -20.17 -15.50 9.26
CA PRO A 245 -19.91 -16.93 9.05
C PRO A 245 -21.02 -17.85 9.53
N ASP A 246 -21.80 -17.42 10.51
CA ASP A 246 -22.84 -18.26 11.08
C ASP A 246 -24.19 -18.05 10.43
N GLY A 247 -24.27 -17.26 9.36
CA GLY A 247 -25.51 -17.00 8.67
C GLY A 247 -26.27 -15.77 9.10
N GLN A 248 -25.86 -15.11 10.17
CA GLN A 248 -26.46 -13.82 10.51
C GLN A 248 -26.20 -12.82 9.40
N VAL A 249 -27.08 -11.85 9.26
CA VAL A 249 -26.93 -10.82 8.23
C VAL A 249 -27.04 -9.45 8.90
N ILE A 250 -26.06 -8.58 8.63
CA ILE A 250 -26.11 -7.17 9.01
C ILE A 250 -26.37 -6.36 7.76
N THR A 251 -27.39 -5.50 7.79
CA THR A 251 -27.73 -4.67 6.64
C THR A 251 -27.47 -3.21 6.99
N ILE A 252 -26.76 -2.51 6.11
CA ILE A 252 -26.54 -1.09 6.34
C ILE A 252 -26.98 -0.30 5.12
N GLY A 253 -27.39 0.94 5.37
CA GLY A 253 -27.80 1.85 4.30
C GLY A 253 -26.91 3.06 4.32
N ASN A 254 -27.36 4.13 4.99
CA ASN A 254 -26.53 5.34 4.89
C ASN A 254 -25.23 5.23 5.66
N GLU A 255 -25.06 4.22 6.53
CA GLU A 255 -23.74 4.00 7.12
C GLU A 255 -22.69 3.71 6.05
N ARG A 256 -23.10 3.15 4.91
CA ARG A 256 -22.16 2.84 3.83
C ARG A 256 -21.38 4.07 3.40
N PHE A 257 -22.04 5.22 3.32
CA PHE A 257 -21.33 6.41 2.85
C PHE A 257 -21.12 7.47 3.92
N ARG A 258 -21.79 7.37 5.07
CA ARG A 258 -21.47 8.27 6.18
C ARG A 258 -20.07 8.02 6.69
N CYS A 259 -19.63 6.75 6.69
CA CYS A 259 -18.31 6.43 7.23
C CYS A 259 -17.21 7.15 6.46
N PRO A 260 -17.02 6.95 5.16
CA PRO A 260 -15.93 7.68 4.48
C PRO A 260 -16.24 9.13 4.20
N GLU A 261 -17.50 9.59 4.36
CA GLU A 261 -17.75 11.03 4.28
C GLU A 261 -16.88 11.78 5.29
N THR A 262 -16.48 11.12 6.37
CA THR A 262 -15.61 11.72 7.39
C THR A 262 -14.32 12.29 6.79
N LEU A 263 -13.80 11.69 5.72
CA LEU A 263 -12.61 12.20 5.05
C LEU A 263 -12.82 13.61 4.50
N PHE A 264 -14.03 13.91 4.04
CA PHE A 264 -14.39 15.22 3.52
C PHE A 264 -14.96 16.13 4.60
N GLN A 265 -15.55 15.54 5.65
CA GLN A 265 -16.14 16.29 6.76
C GLN A 265 -15.60 15.75 8.09
N PRO A 266 -14.39 16.14 8.48
CA PRO A 266 -13.81 15.60 9.73
C PRO A 266 -14.63 15.89 10.97
N SER A 267 -15.55 16.86 10.91
CA SER A 267 -16.41 17.14 12.05
C SER A 267 -17.27 15.95 12.43
N PHE A 268 -17.44 14.97 11.54
CA PHE A 268 -18.23 13.78 11.87
C PHE A 268 -17.63 13.05 13.07
N ILE A 269 -16.34 13.18 13.31
CA ILE A 269 -15.71 12.57 14.47
C ILE A 269 -15.15 13.63 15.42
N GLY A 270 -15.68 14.85 15.34
CA GLY A 270 -15.30 15.90 16.26
C GLY A 270 -13.97 16.55 15.98
N MET A 271 -13.40 16.31 14.81
CA MET A 271 -12.13 16.93 14.44
C MET A 271 -12.37 18.26 13.76
N GLU A 272 -11.63 19.27 14.19
CA GLU A 272 -11.72 20.62 13.63
C GLU A 272 -10.58 20.74 12.62
N SER A 273 -10.83 20.20 11.44
CA SER A 273 -9.83 20.19 10.39
CA SER A 273 -9.83 20.18 10.38
C SER A 273 -10.53 20.25 9.04
N ALA A 274 -9.81 20.78 8.06
CA ALA A 274 -10.28 20.73 6.68
C ALA A 274 -10.31 19.28 6.20
N GLY A 275 -11.24 18.99 5.29
CA GLY A 275 -11.34 17.67 4.68
C GLY A 275 -10.30 17.49 3.59
N ILE A 276 -10.27 16.28 3.03
CA ILE A 276 -9.16 15.94 2.15
C ILE A 276 -9.22 16.72 0.84
N HIS A 277 -10.41 17.14 0.37
CA HIS A 277 -10.45 17.99 -0.82
C HIS A 277 -9.85 19.36 -0.54
N GLU A 278 -10.13 19.95 0.63
CA GLU A 278 -9.57 21.26 0.96
C GLU A 278 -8.08 21.20 1.26
N THR A 279 -7.59 20.10 1.87
CA THR A 279 -6.15 20.02 2.10
C THR A 279 -5.41 19.86 0.78
N THR A 280 -6.00 19.13 -0.18
CA THR A 280 -5.40 19.02 -1.51
C THR A 280 -5.29 20.39 -2.16
N TYR A 281 -6.40 21.12 -2.16
CA TYR A 281 -6.39 22.46 -2.73
C TYR A 281 -5.37 23.36 -2.02
N ASN A 282 -5.37 23.33 -0.68
CA ASN A 282 -4.44 24.14 0.10
C ASN A 282 -2.99 23.80 -0.23
N SER A 283 -2.71 22.51 -0.42
CA SER A 283 -1.35 22.08 -0.76
C SER A 283 -0.94 22.63 -2.12
N ILE A 284 -1.83 22.51 -3.11
CA ILE A 284 -1.53 23.08 -4.43
C ILE A 284 -1.33 24.59 -4.33
N MET A 285 -2.14 25.27 -3.52
CA MET A 285 -1.99 26.71 -3.40
C MET A 285 -0.70 27.12 -2.71
N LYS A 286 -0.06 26.23 -1.96
CA LYS A 286 1.23 26.57 -1.38
C LYS A 286 2.37 26.40 -2.37
N CYS A 287 2.11 25.89 -3.57
CA CYS A 287 3.15 25.74 -4.57
C CYS A 287 3.18 26.93 -5.52
N ASP A 288 4.33 27.12 -6.17
CA ASP A 288 4.50 28.23 -7.09
C ASP A 288 3.46 28.17 -8.21
N ILE A 289 2.90 29.33 -8.57
CA ILE A 289 1.79 29.39 -9.53
CA ILE A 289 1.77 29.31 -9.50
C ILE A 289 2.15 28.63 -10.81
N ASP A 290 3.43 28.66 -11.19
CA ASP A 290 3.84 28.08 -12.47
C ASP A 290 3.75 26.56 -12.54
N ILE A 291 3.65 25.86 -11.41
CA ILE A 291 3.53 24.40 -11.46
C ILE A 291 2.16 23.91 -11.06
N ARG A 292 1.25 24.81 -10.68
CA ARG A 292 -0.05 24.37 -10.18
C ARG A 292 -0.84 23.66 -11.27
N LYS A 293 -0.72 24.10 -12.53
CA LYS A 293 -1.43 23.43 -13.61
C LYS A 293 -1.05 21.95 -13.68
N ASP A 294 0.24 21.64 -13.53
CA ASP A 294 0.66 20.25 -13.55
C ASP A 294 0.12 19.49 -12.34
N LEU A 295 0.01 20.13 -11.18
CA LEU A 295 -0.51 19.40 -10.02
C LEU A 295 -2.01 19.11 -10.16
N TYR A 296 -2.78 20.08 -10.67
CA TYR A 296 -4.21 19.85 -10.83
C TYR A 296 -4.52 18.67 -11.74
N ALA A 297 -3.71 18.47 -12.77
CA ALA A 297 -3.94 17.39 -13.73
C ALA A 297 -3.33 16.07 -13.31
N ASN A 298 -2.69 15.99 -12.15
CA ASN A 298 -1.98 14.78 -11.75
C ASN A 298 -2.13 14.54 -10.25
N ASN A 299 -3.37 14.45 -9.77
CA ASN A 299 -3.65 14.06 -8.40
CA ASN A 299 -3.63 14.06 -8.39
C ASN A 299 -3.68 12.54 -8.35
N VAL A 300 -2.65 11.93 -7.75
CA VAL A 300 -2.52 10.48 -7.72
C VAL A 300 -2.88 9.99 -6.33
N MET A 301 -3.84 9.07 -6.25
CA MET A 301 -4.22 8.49 -4.96
C MET A 301 -3.42 7.24 -4.64
N SER A 302 -3.06 7.08 -3.37
CA SER A 302 -2.37 5.88 -2.93
CA SER A 302 -2.28 5.94 -2.90
C SER A 302 -2.78 5.56 -1.51
N GLY A 303 -2.69 4.27 -1.17
CA GLY A 303 -2.98 3.86 0.19
C GLY A 303 -4.35 3.21 0.34
N GLY A 304 -4.49 2.39 1.38
CA GLY A 304 -5.70 1.60 1.53
C GLY A 304 -6.97 2.42 1.70
N THR A 305 -6.86 3.58 2.34
CA THR A 305 -8.05 4.40 2.55
C THR A 305 -8.48 5.16 1.30
N THR A 306 -7.72 5.10 0.20
CA THR A 306 -8.22 5.63 -1.06
C THR A 306 -8.97 4.59 -1.90
N MET A 307 -9.24 3.41 -1.33
CA MET A 307 -9.87 2.33 -2.11
C MET A 307 -11.39 2.43 -2.19
N TYR A 308 -12.03 3.36 -1.49
CA TYR A 308 -13.49 3.44 -1.49
C TYR A 308 -14.02 3.67 -2.90
N PRO A 309 -15.00 2.90 -3.37
CA PRO A 309 -15.68 3.26 -4.60
C PRO A 309 -16.21 4.68 -4.49
N GLY A 310 -16.04 5.46 -5.57
CA GLY A 310 -16.59 6.80 -5.58
C GLY A 310 -15.63 7.90 -5.15
N ILE A 311 -14.48 7.57 -4.57
CA ILE A 311 -13.66 8.63 -3.99
C ILE A 311 -13.02 9.49 -5.08
N ALA A 312 -12.59 8.87 -6.20
CA ALA A 312 -11.96 9.67 -7.25
C ALA A 312 -12.96 10.65 -7.87
N ASP A 313 -14.18 10.16 -8.13
CA ASP A 313 -15.21 11.02 -8.71
C ASP A 313 -15.60 12.15 -7.77
N ARG A 314 -15.65 11.86 -6.47
CA ARG A 314 -15.96 12.93 -5.51
C ARG A 314 -14.84 13.95 -5.44
N MET A 315 -13.59 13.50 -5.44
CA MET A 315 -12.47 14.43 -5.42
CA MET A 315 -12.47 14.43 -5.42
C MET A 315 -12.46 15.29 -6.67
N GLN A 316 -12.72 14.66 -7.83
CA GLN A 316 -12.79 15.42 -9.07
C GLN A 316 -13.82 16.54 -8.96
N LYS A 317 -14.98 16.24 -8.40
CA LYS A 317 -16.03 17.24 -8.25
C LYS A 317 -15.61 18.34 -7.29
N GLU A 318 -15.00 17.98 -6.14
CA GLU A 318 -14.68 18.99 -5.16
C GLU A 318 -13.55 19.89 -5.64
N ILE A 319 -12.52 19.32 -6.26
CA ILE A 319 -11.39 20.12 -6.72
C ILE A 319 -11.81 21.01 -7.89
N THR A 320 -12.68 20.51 -8.75
CA THR A 320 -13.19 21.31 -9.87
C THR A 320 -13.92 22.54 -9.35
N ALA A 321 -14.63 22.39 -8.24
CA ALA A 321 -15.36 23.52 -7.69
C ALA A 321 -14.42 24.60 -7.15
N LEU A 322 -13.21 24.22 -6.73
CA LEU A 322 -12.25 25.16 -6.14
C LEU A 322 -11.24 25.73 -7.12
N ALA A 323 -11.01 25.04 -8.25
CA ALA A 323 -9.87 25.35 -9.12
C ALA A 323 -10.16 26.54 -10.03
N PRO A 324 -9.11 27.24 -10.44
CA PRO A 324 -9.28 28.38 -11.37
C PRO A 324 -9.66 27.96 -12.78
N SER A 325 -10.21 28.92 -13.52
CA SER A 325 -10.57 28.70 -14.91
C SER A 325 -9.35 28.31 -15.75
N THR A 326 -9.59 27.43 -16.71
CA THR A 326 -8.68 26.85 -17.71
C THR A 326 -7.83 25.71 -17.14
N MET A 327 -7.89 25.42 -15.84
CA MET A 327 -7.14 24.28 -15.31
C MET A 327 -7.83 22.96 -15.65
N LYS A 328 -7.03 21.95 -15.99
CA LYS A 328 -7.56 20.61 -16.19
CA LYS A 328 -7.55 20.61 -16.19
C LYS A 328 -7.43 19.85 -14.88
N ILE A 329 -8.55 19.34 -14.38
CA ILE A 329 -8.56 18.57 -13.13
C ILE A 329 -8.61 17.09 -13.49
N LYS A 330 -7.67 16.31 -12.95
CA LYS A 330 -7.66 14.88 -13.18
C LYS A 330 -7.21 14.18 -11.91
N ILE A 331 -8.02 13.21 -11.46
CA ILE A 331 -7.71 12.34 -10.35
C ILE A 331 -7.33 10.98 -10.90
N ILE A 332 -6.16 10.49 -10.51
CA ILE A 332 -5.66 9.20 -10.95
C ILE A 332 -5.76 8.24 -9.78
N ALA A 333 -6.50 7.14 -9.97
CA ALA A 333 -6.68 6.11 -8.95
C ALA A 333 -6.25 4.77 -9.53
N PRO A 334 -4.95 4.47 -9.52
CA PRO A 334 -4.49 3.20 -10.09
C PRO A 334 -5.13 2.01 -9.38
N PRO A 335 -5.55 0.98 -10.13
CA PRO A 335 -6.19 -0.17 -9.47
C PRO A 335 -5.33 -0.83 -8.42
N GLU A 336 -4.00 -0.71 -8.52
CA GLU A 336 -3.07 -1.32 -7.58
CA GLU A 336 -3.10 -1.32 -7.56
C GLU A 336 -2.69 -0.38 -6.42
N ARG A 337 -3.42 0.72 -6.23
CA ARG A 337 -2.96 1.75 -5.30
C ARG A 337 -2.97 1.34 -3.83
N LYS A 338 -3.72 0.30 -3.45
CA LYS A 338 -3.66 -0.16 -2.06
C LYS A 338 -2.24 -0.43 -1.61
N TYR A 339 -1.41 -0.97 -2.49
CA TYR A 339 -0.04 -1.31 -2.17
C TYR A 339 0.94 -0.64 -3.13
N SER A 340 0.61 0.55 -3.68
CA SER A 340 1.47 1.16 -4.69
CA SER A 340 1.46 1.18 -4.68
C SER A 340 2.83 1.54 -4.11
N VAL A 341 2.90 1.89 -2.83
CA VAL A 341 4.20 2.17 -2.21
C VAL A 341 5.08 0.93 -2.25
N TRP A 342 4.56 -0.20 -1.77
CA TRP A 342 5.36 -1.42 -1.76
C TRP A 342 5.75 -1.82 -3.17
N ILE A 343 4.82 -1.76 -4.12
CA ILE A 343 5.11 -2.19 -5.48
C ILE A 343 6.19 -1.30 -6.10
N GLY A 344 6.09 0.02 -5.88
CA GLY A 344 7.17 0.92 -6.28
C GLY A 344 8.51 0.50 -5.71
N GLY A 345 8.54 0.13 -4.43
CA GLY A 345 9.77 -0.34 -3.83
C GLY A 345 10.28 -1.64 -4.45
N SER A 346 9.35 -2.56 -4.74
CA SER A 346 9.71 -3.82 -5.39
C SER A 346 10.39 -3.57 -6.74
N ILE A 347 9.86 -2.62 -7.51
CA ILE A 347 10.47 -2.26 -8.79
C ILE A 347 11.84 -1.64 -8.56
N LEU A 348 11.91 -0.61 -7.71
CA LEU A 348 13.17 0.08 -7.42
CA LEU A 348 13.17 0.08 -7.46
C LEU A 348 14.28 -0.91 -7.10
N ALA A 349 14.02 -1.80 -6.15
CA ALA A 349 15.00 -2.76 -5.67
C ALA A 349 15.33 -3.84 -6.70
N SER A 350 14.65 -3.84 -7.85
CA SER A 350 14.95 -4.75 -8.95
C SER A 350 15.79 -4.11 -10.05
N LEU A 351 15.88 -2.78 -10.08
CA LEU A 351 16.39 -2.05 -11.24
C LEU A 351 17.91 -1.96 -11.22
N SER A 352 18.53 -2.29 -12.35
CA SER A 352 19.99 -2.25 -12.47
C SER A 352 20.54 -0.86 -12.19
N THR A 353 19.93 0.17 -12.77
CA THR A 353 20.52 1.51 -12.69
C THR A 353 20.46 2.11 -11.30
N PHE A 354 19.72 1.52 -10.38
CA PHE A 354 19.64 2.05 -9.03
C PHE A 354 20.68 1.45 -8.09
N GLN A 355 21.37 0.38 -8.50
CA GLN A 355 22.28 -0.30 -7.60
C GLN A 355 23.37 0.62 -7.06
N GLN A 356 23.81 1.60 -7.84
CA GLN A 356 24.84 2.52 -7.38
C GLN A 356 24.38 3.42 -6.24
N MET A 357 23.07 3.55 -6.04
CA MET A 357 22.51 4.43 -5.01
CA MET A 357 22.57 4.44 -5.00
C MET A 357 22.31 3.74 -3.67
N TRP A 358 22.52 2.44 -3.60
CA TRP A 358 22.39 1.74 -2.33
C TRP A 358 23.58 2.02 -1.42
N ILE A 359 23.33 2.04 -0.12
N ILE A 359 23.30 2.12 -0.12
CA ILE A 359 24.38 2.27 0.88
CA ILE A 359 24.36 2.23 0.88
C ILE A 359 24.90 0.92 1.36
C ILE A 359 24.88 0.84 1.17
N THR A 360 26.19 0.67 1.14
CA THR A 360 26.78 -0.60 1.51
C THR A 360 27.29 -0.57 2.95
N LYS A 361 27.42 -1.75 3.54
CA LYS A 361 27.91 -1.85 4.91
C LYS A 361 29.29 -1.22 5.06
N GLN A 362 30.13 -1.34 4.04
CA GLN A 362 31.47 -0.77 4.13
C GLN A 362 31.42 0.75 4.17
N GLU A 363 30.52 1.35 3.38
CA GLU A 363 30.31 2.79 3.45
C GLU A 363 29.80 3.20 4.83
N TYR A 364 28.82 2.46 5.37
CA TYR A 364 28.36 2.73 6.72
C TYR A 364 29.51 2.64 7.72
N ASP A 365 30.36 1.62 7.60
CA ASP A 365 31.50 1.49 8.50
C ASP A 365 32.43 2.70 8.40
N GLU A 366 32.64 3.21 7.17
CA GLU A 366 33.51 4.35 6.98
C GLU A 366 32.86 5.65 7.44
N ALA A 367 31.59 5.85 7.12
CA ALA A 367 30.97 7.17 7.28
C ALA A 367 29.97 7.29 8.42
N GLY A 368 29.41 6.20 8.91
CA GLY A 368 28.39 6.28 9.93
C GLY A 368 27.02 6.55 9.34
N PRO A 369 26.02 6.70 10.22
CA PRO A 369 24.62 6.76 9.75
C PRO A 369 24.30 7.93 8.82
N SER A 370 25.04 9.05 8.90
CA SER A 370 24.74 10.23 8.09
C SER A 370 24.88 9.98 6.59
N ILE A 371 25.54 8.89 6.20
CA ILE A 371 25.64 8.51 4.79
C ILE A 371 24.26 8.34 4.14
N VAL A 372 23.21 8.12 4.92
CA VAL A 372 21.89 7.92 4.33
C VAL A 372 21.35 9.19 3.67
N HIS A 373 21.88 10.36 4.02
CA HIS A 373 21.42 11.58 3.35
C HIS A 373 22.13 11.79 2.01
N ARG A 374 23.44 11.53 1.96
CA ARG A 374 24.25 11.79 0.78
C ARG A 374 23.81 10.93 -0.42
N THR B 4 13.16 12.21 -36.32
CA THR B 4 13.80 11.13 -35.58
C THR B 4 15.05 11.67 -34.87
N GLU B 5 15.09 12.98 -34.69
CA GLU B 5 16.24 13.66 -34.11
C GLU B 5 16.46 13.35 -32.61
N PRO B 6 15.43 13.22 -31.78
CA PRO B 6 15.69 12.93 -30.36
C PRO B 6 16.19 11.49 -30.17
N THR B 7 16.91 11.31 -29.07
CA THR B 7 17.35 9.98 -28.67
C THR B 7 16.23 9.29 -27.89
N VAL B 8 15.90 8.07 -28.27
CA VAL B 8 14.80 7.34 -27.66
C VAL B 8 15.35 6.11 -26.95
N PHE B 9 14.91 5.89 -25.72
CA PHE B 9 15.24 4.70 -24.96
C PHE B 9 13.96 3.87 -24.80
N HIS B 10 14.02 2.62 -25.22
CA HIS B 10 12.91 1.68 -25.06
C HIS B 10 13.12 0.94 -23.74
N ILE B 11 12.20 1.09 -22.78
CA ILE B 11 12.33 0.34 -21.54
C ILE B 11 12.03 -1.12 -21.86
N GLN B 12 12.98 -2.00 -21.53
CA GLN B 12 12.83 -3.42 -21.82
C GLN B 12 13.41 -4.22 -20.66
N LYS B 13 12.54 -4.93 -19.95
CA LYS B 13 12.91 -5.83 -18.86
C LYS B 13 13.87 -5.16 -17.89
N GLY B 14 13.47 -4.00 -17.38
CA GLY B 14 14.23 -3.34 -16.33
C GLY B 14 15.44 -2.58 -16.78
N ARG B 15 15.63 -2.37 -18.09
CA ARG B 15 16.77 -1.62 -18.60
C ARG B 15 16.32 -0.62 -19.65
N LEU B 16 17.10 0.45 -19.76
CA LEU B 16 16.98 1.39 -20.88
C LEU B 16 17.80 0.85 -22.06
N VAL B 17 17.14 0.62 -23.19
CA VAL B 17 17.78 0.17 -24.43
C VAL B 17 17.68 1.30 -25.43
N ARG B 18 18.81 1.89 -25.81
CA ARG B 18 18.77 2.96 -26.78
C ARG B 18 18.33 2.40 -28.13
N MET B 19 17.30 3.01 -28.71
CA MET B 19 16.80 2.58 -30.00
C MET B 19 17.73 3.06 -31.12
N SER B 20 18.12 2.13 -32.00
CA SER B 20 18.92 2.50 -33.17
C SER B 20 18.13 3.40 -34.11
N ASP B 21 16.86 3.10 -34.32
CA ASP B 21 16.04 3.75 -35.33
C ASP B 21 14.65 4.01 -34.76
N PRO B 22 14.50 5.07 -33.96
CA PRO B 22 13.22 5.29 -33.26
C PRO B 22 12.09 5.69 -34.19
N GLY B 23 10.88 5.69 -33.63
CA GLY B 23 9.71 6.14 -34.36
C GLY B 23 8.48 5.29 -34.12
N ALA B 24 8.67 3.98 -33.97
CA ALA B 24 7.58 3.07 -33.62
C ALA B 24 7.50 2.97 -32.10
N PHE B 25 6.29 3.09 -31.57
CA PHE B 25 6.04 3.03 -30.13
C PHE B 25 4.96 1.99 -29.86
N GLY B 26 5.26 0.99 -29.05
CA GLY B 26 4.33 -0.08 -28.76
C GLY B 26 3.45 0.23 -27.57
N ARG B 27 2.14 -0.03 -27.73
CA ARG B 27 1.16 0.28 -26.69
C ARG B 27 1.37 -0.46 -25.38
N GLY B 28 2.11 -1.56 -25.37
CA GLY B 28 2.32 -2.24 -24.11
C GLY B 28 3.58 -1.85 -23.37
N ASP B 29 4.30 -0.86 -23.89
CA ASP B 29 5.62 -0.50 -23.37
C ASP B 29 5.71 0.98 -23.06
N CYS B 30 6.83 1.34 -22.44
CA CYS B 30 7.15 2.74 -22.16
C CYS B 30 8.48 3.12 -22.81
N TYR B 31 8.63 4.41 -23.10
CA TYR B 31 9.80 4.96 -23.76
C TYR B 31 10.18 6.28 -23.12
N LEU B 32 11.48 6.54 -23.03
CA LEU B 32 12.01 7.83 -22.62
C LEU B 32 12.59 8.52 -23.85
N VAL B 33 12.12 9.74 -24.14
CA VAL B 33 12.52 10.47 -25.34
C VAL B 33 13.28 11.72 -24.89
N ASP B 34 14.57 11.76 -25.21
CA ASP B 34 15.44 12.87 -24.84
C ASP B 34 15.54 13.80 -26.05
N ALA B 35 14.77 14.90 -26.02
CA ALA B 35 14.74 15.87 -27.09
C ALA B 35 15.39 17.19 -26.67
N GLY B 36 16.47 17.10 -25.89
CA GLY B 36 17.27 18.25 -25.55
C GLY B 36 16.72 19.04 -24.38
N PRO B 37 16.22 20.26 -24.65
CA PRO B 37 15.55 21.03 -23.60
C PRO B 37 14.28 20.38 -23.08
N LYS B 38 13.77 19.34 -23.75
CA LYS B 38 12.57 18.63 -23.35
C LYS B 38 12.87 17.14 -23.24
N ILE B 39 12.38 16.52 -22.17
CA ILE B 39 12.39 15.07 -21.99
C ILE B 39 10.93 14.61 -21.94
N TYR B 40 10.57 13.66 -22.79
CA TYR B 40 9.21 13.14 -22.83
C TYR B 40 9.17 11.74 -22.24
N LEU B 41 8.21 11.50 -21.35
CA LEU B 41 7.83 10.15 -20.94
C LEU B 41 6.71 9.68 -21.84
N TRP B 42 6.91 8.60 -22.58
CA TRP B 42 5.84 8.04 -23.39
C TRP B 42 5.32 6.80 -22.67
N ILE B 43 4.10 6.87 -22.17
CA ILE B 43 3.52 5.80 -21.34
C ILE B 43 2.49 5.05 -22.17
N GLY B 44 2.78 3.79 -22.48
CA GLY B 44 1.85 2.96 -23.23
C GLY B 44 0.66 2.60 -22.37
N PRO B 45 -0.54 2.66 -22.96
CA PRO B 45 -1.76 2.40 -22.16
C PRO B 45 -1.85 1.01 -21.58
N LYS B 46 -1.13 0.04 -22.12
CA LYS B 46 -1.14 -1.33 -21.62
C LYS B 46 0.16 -1.71 -20.91
N SER B 47 1.04 -0.74 -20.67
CA SER B 47 2.29 -1.00 -19.98
C SER B 47 2.04 -1.31 -18.51
N THR B 48 3.04 -1.93 -17.89
CA THR B 48 2.96 -2.32 -16.49
C THR B 48 3.74 -1.34 -15.62
N ALA B 49 3.50 -1.44 -14.29
CA ALA B 49 4.06 -0.46 -13.36
C ALA B 49 5.59 -0.42 -13.38
N ASP B 50 6.25 -1.57 -13.59
CA ASP B 50 7.71 -1.58 -13.64
C ASP B 50 8.23 -0.75 -14.80
N GLU B 51 7.51 -0.76 -15.93
CA GLU B 51 7.93 0.03 -17.08
C GLU B 51 7.67 1.51 -16.86
N LYS B 52 6.50 1.85 -16.32
CA LYS B 52 6.22 3.24 -15.95
C LYS B 52 7.27 3.78 -14.99
N PHE B 53 7.60 3.00 -13.97
CA PHE B 53 8.53 3.42 -12.92
C PHE B 53 9.92 3.72 -13.49
N LEU B 54 10.46 2.81 -14.30
CA LEU B 54 11.79 3.05 -14.86
C LEU B 54 11.80 4.30 -15.73
N THR B 55 10.73 4.53 -16.48
CA THR B 55 10.68 5.73 -17.33
C THR B 55 10.74 7.00 -16.49
N ALA B 56 9.90 7.08 -15.46
CA ALA B 56 9.87 8.28 -14.64
C ALA B 56 11.19 8.47 -13.89
N ALA B 57 11.70 7.40 -13.28
CA ALA B 57 12.96 7.52 -12.54
C ALA B 57 14.11 7.94 -13.46
N SER B 58 14.14 7.38 -14.67
CA SER B 58 15.21 7.70 -15.61
C SER B 58 15.12 9.14 -16.09
N ALA B 59 13.91 9.66 -16.27
CA ALA B 59 13.76 11.05 -16.68
C ALA B 59 14.30 12.00 -15.62
N VAL B 60 14.06 11.69 -14.34
CA VAL B 60 14.58 12.57 -13.30
CA VAL B 60 14.57 12.54 -13.27
C VAL B 60 16.10 12.47 -13.23
N PHE B 61 16.66 11.28 -13.44
CA PHE B 61 18.11 11.16 -13.44
CA PHE B 61 18.12 11.14 -13.46
C PHE B 61 18.74 11.97 -14.57
N LYS B 62 18.17 11.90 -15.77
CA LYS B 62 18.72 12.64 -16.91
C LYS B 62 18.60 14.15 -16.71
N ASP B 63 17.45 14.60 -16.21
CA ASP B 63 17.27 15.99 -15.87
C ASP B 63 18.28 16.44 -14.82
N THR B 64 18.44 15.64 -13.77
CA THR B 64 19.39 15.98 -12.71
C THR B 64 20.81 16.05 -13.24
N GLU B 65 21.16 15.13 -14.16
CA GLU B 65 22.46 15.16 -14.81
C GLU B 65 22.71 16.50 -15.48
N ARG B 66 21.68 17.09 -16.09
CA ARG B 66 21.74 18.43 -16.65
C ARG B 66 21.26 19.50 -15.67
N LYS B 67 21.47 19.28 -14.37
CA LYS B 67 21.18 20.26 -13.31
C LYS B 67 19.77 20.83 -13.42
N GLY B 68 18.82 19.97 -13.79
CA GLY B 68 17.42 20.32 -13.80
C GLY B 68 16.97 21.24 -14.90
N HIS B 69 17.77 21.40 -15.95
CA HIS B 69 17.54 22.43 -16.96
C HIS B 69 16.63 21.97 -18.10
N ALA B 70 16.02 20.80 -18.00
CA ALA B 70 15.09 20.34 -19.03
C ALA B 70 13.68 20.27 -18.47
N ASP B 71 12.71 20.50 -19.35
CA ASP B 71 11.29 20.34 -19.00
C ASP B 71 10.89 18.90 -19.30
N ILE B 72 10.26 18.25 -18.32
CA ILE B 72 9.78 16.87 -18.47
C ILE B 72 8.30 16.92 -18.80
N ASP B 73 7.90 16.27 -19.89
CA ASP B 73 6.51 16.18 -20.30
C ASP B 73 6.09 14.72 -20.32
N ARG B 74 4.87 14.44 -19.87
CA ARG B 74 4.33 13.09 -19.89
C ARG B 74 3.37 12.95 -21.06
N ILE B 75 3.58 11.94 -21.91
CA ILE B 75 2.72 11.67 -23.05
C ILE B 75 1.97 10.36 -22.80
N GLU B 76 0.66 10.37 -22.99
CA GLU B 76 -0.15 9.16 -22.93
C GLU B 76 -0.20 8.54 -24.32
N GLY B 77 0.23 7.29 -24.43
CA GLY B 77 0.29 6.61 -25.71
C GLY B 77 -1.05 6.57 -26.42
N GLY B 78 -1.06 6.93 -27.70
CA GLY B 78 -2.29 7.07 -28.45
C GLY B 78 -2.89 8.46 -28.44
N LYS B 79 -2.48 9.31 -27.50
CA LYS B 79 -2.94 10.70 -27.45
C LYS B 79 -1.78 11.67 -27.54
N GLU B 80 -0.89 11.45 -28.50
CA GLU B 80 0.29 12.29 -28.64
C GLU B 80 -0.10 13.67 -29.15
N PRO B 81 0.48 14.74 -28.60
CA PRO B 81 0.29 16.07 -29.19
C PRO B 81 1.01 16.17 -30.52
N GLU B 82 0.61 17.16 -31.31
CA GLU B 82 1.26 17.39 -32.60
C GLU B 82 2.75 17.65 -32.43
N GLU B 83 3.14 18.35 -31.35
CA GLU B 83 4.54 18.61 -31.05
C GLU B 83 5.37 17.33 -31.06
N PHE B 84 4.82 16.23 -30.54
CA PHE B 84 5.60 15.03 -30.30
C PHE B 84 5.71 14.18 -31.55
N LYS B 85 4.61 14.03 -32.29
CA LYS B 85 4.61 13.17 -33.46
C LYS B 85 5.58 13.69 -34.53
N VAL B 86 5.70 15.01 -34.66
CA VAL B 86 6.53 15.56 -35.73
C VAL B 86 8.02 15.44 -35.46
N LEU B 87 8.43 15.02 -34.26
CA LEU B 87 9.84 14.78 -33.99
C LEU B 87 10.40 13.61 -34.79
N PHE B 88 9.54 12.75 -35.33
CA PHE B 88 9.97 11.51 -35.95
C PHE B 88 9.62 11.50 -37.43
N ASP B 89 10.51 10.92 -38.23
CA ASP B 89 10.29 10.74 -39.66
C ASP B 89 8.93 10.10 -39.92
N ASP B 90 8.64 8.99 -39.23
CA ASP B 90 7.38 8.27 -39.41
C ASP B 90 6.95 7.72 -38.04
N PHE B 91 6.34 8.60 -37.25
CA PHE B 91 5.75 8.16 -36.00
C PHE B 91 4.76 7.04 -36.25
N GLN B 92 4.86 5.97 -35.45
CA GLN B 92 4.01 4.80 -35.63
C GLN B 92 3.64 4.22 -34.27
N LEU B 93 2.34 4.00 -34.06
CA LEU B 93 1.81 3.34 -32.88
C LEU B 93 1.58 1.87 -33.21
N THR B 94 2.20 0.96 -32.44
CA THR B 94 2.10 -0.48 -32.68
C THR B 94 1.56 -1.18 -31.45
N ASP B 95 1.38 -2.51 -31.58
CA ASP B 95 0.91 -3.33 -30.47
C ASP B 95 2.05 -4.03 -29.74
N GLU B 96 3.30 -3.60 -29.94
CA GLU B 96 4.42 -4.28 -29.33
C GLU B 96 4.33 -4.21 -27.80
N ASP B 97 4.58 -5.35 -27.15
CA ASP B 97 4.53 -5.41 -25.68
C ASP B 97 5.66 -6.31 -25.21
N THR B 98 6.71 -5.72 -24.66
CA THR B 98 7.75 -6.47 -23.98
C THR B 98 7.27 -6.88 -22.60
N GLU B 99 7.50 -8.14 -22.22
CA GLU B 99 6.99 -8.58 -20.93
C GLU B 99 7.75 -7.87 -19.80
N GLY B 100 7.03 -7.54 -18.74
CA GLY B 100 7.62 -6.85 -17.60
C GLY B 100 8.38 -7.77 -16.66
N ILE B 101 8.98 -7.16 -15.64
CA ILE B 101 9.85 -7.91 -14.73
C ILE B 101 9.14 -8.43 -13.48
N LEU B 102 7.93 -7.96 -13.18
CA LEU B 102 7.29 -8.40 -11.93
C LEU B 102 6.61 -9.74 -12.11
N ARG B 103 6.57 -10.51 -11.02
CA ARG B 103 6.04 -11.87 -11.08
C ARG B 103 5.02 -12.08 -9.97
N ARG B 104 4.01 -12.89 -10.25
CA ARG B 104 3.03 -13.16 -9.21
C ARG B 104 3.68 -13.90 -8.04
N VAL B 105 3.12 -13.69 -6.86
CA VAL B 105 3.61 -14.39 -5.67
C VAL B 105 3.32 -15.88 -5.81
N GLN B 106 4.31 -16.71 -5.51
CA GLN B 106 4.11 -18.15 -5.55
C GLN B 106 4.80 -18.76 -4.35
N LEU B 107 4.14 -19.75 -3.77
CA LEU B 107 4.62 -20.43 -2.58
C LEU B 107 4.89 -21.89 -2.91
N GLU B 108 6.07 -22.38 -2.55
CA GLU B 108 6.29 -23.81 -2.50
C GLU B 108 5.53 -24.39 -1.31
N LYS B 109 5.45 -25.73 -1.25
CA LYS B 109 4.68 -26.31 -0.16
C LYS B 109 5.40 -26.16 1.17
N ARG B 110 6.73 -26.13 1.17
CA ARG B 110 7.54 -25.84 2.35
C ARG B 110 7.38 -24.41 2.85
N GLU B 111 6.48 -23.63 2.27
CA GLU B 111 6.28 -22.25 2.66
C GLU B 111 4.88 -21.97 3.19
N TYR B 112 3.97 -22.93 3.08
CA TYR B 112 2.64 -22.77 3.67
C TYR B 112 2.76 -22.58 5.18
N LYS B 113 1.80 -21.85 5.77
CA LYS B 113 1.75 -21.61 7.21
C LYS B 113 0.49 -22.21 7.83
N LEU B 114 0.59 -22.60 9.10
CA LEU B 114 -0.51 -23.25 9.83
C LEU B 114 -0.80 -22.48 11.11
N TRP B 115 -2.07 -22.13 11.32
CA TRP B 115 -2.48 -21.26 12.41
C TRP B 115 -3.54 -21.95 13.27
N ARG B 116 -3.32 -21.93 14.58
CA ARG B 116 -4.23 -22.50 15.55
C ARG B 116 -5.17 -21.41 16.08
N VAL B 117 -6.47 -21.73 16.13
CA VAL B 117 -7.50 -20.81 16.58
C VAL B 117 -8.14 -21.38 17.84
N HIS B 118 -8.05 -20.63 18.94
CA HIS B 118 -8.54 -21.07 20.25
C HIS B 118 -9.44 -19.99 20.85
N HIS B 119 -10.53 -20.43 21.49
CA HIS B 119 -11.48 -19.48 22.08
C HIS B 119 -12.30 -20.25 23.12
N GLU B 120 -11.92 -20.08 24.38
CA GLU B 120 -12.62 -20.72 25.50
C GLU B 120 -12.97 -19.63 26.51
N GLY B 121 -14.18 -19.08 26.37
CA GLY B 121 -14.57 -17.96 27.23
C GLY B 121 -13.75 -16.73 26.87
N ASP B 122 -13.13 -16.13 27.88
CA ASP B 122 -12.20 -15.03 27.66
C ASP B 122 -10.77 -15.51 27.45
N ASP B 123 -10.59 -16.79 27.12
CA ASP B 123 -9.29 -17.36 26.77
C ASP B 123 -9.26 -17.54 25.25
N THR B 124 -8.75 -16.52 24.56
CA THR B 124 -8.80 -16.45 23.10
C THR B 124 -7.43 -16.10 22.56
N PHE B 125 -7.07 -16.68 21.41
CA PHE B 125 -5.84 -16.29 20.71
C PHE B 125 -5.73 -16.98 19.36
N PHE B 126 -4.93 -16.37 18.48
CA PHE B 126 -4.34 -17.03 17.33
C PHE B 126 -2.89 -17.37 17.66
N ALA B 127 -2.35 -18.36 16.94
CA ALA B 127 -0.97 -18.78 17.15
C ALA B 127 -0.44 -19.64 16.00
N GLU B 128 0.71 -19.28 15.44
CA GLU B 128 1.32 -20.12 14.43
C GLU B 128 1.77 -21.43 15.06
N VAL B 129 1.60 -22.53 14.32
CA VAL B 129 2.07 -23.85 14.75
C VAL B 129 2.78 -24.51 13.58
N PRO B 130 3.57 -25.56 13.83
CA PRO B 130 4.32 -26.20 12.75
C PRO B 130 3.41 -26.85 11.73
N LEU B 131 3.73 -26.63 10.45
CA LEU B 131 2.96 -27.23 9.36
C LEU B 131 3.11 -28.75 9.37
N SER B 132 2.16 -29.44 10.01
CA SER B 132 2.20 -30.89 10.13
C SER B 132 0.79 -31.37 10.41
N ARG B 133 0.45 -32.54 9.87
CA ARG B 133 -0.83 -33.15 10.22
C ARG B 133 -0.95 -33.41 11.71
N SER B 134 0.20 -33.54 12.40
CA SER B 134 0.19 -33.78 13.84
C SER B 134 -0.41 -32.63 14.62
N SER B 135 -0.28 -31.41 14.11
CA SER B 135 -0.74 -30.25 14.87
C SER B 135 -2.26 -30.13 14.90
N LEU B 136 -2.96 -30.77 13.96
CA LEU B 136 -4.42 -30.65 13.88
C LEU B 136 -5.03 -31.32 15.10
N ARG B 137 -5.45 -30.52 16.07
CA ARG B 137 -6.17 -31.04 17.23
C ARG B 137 -7.67 -30.99 16.96
N SER B 138 -8.37 -32.01 17.41
CA SER B 138 -9.79 -32.10 17.08
C SER B 138 -10.66 -31.17 17.92
N ASP B 139 -10.12 -30.56 18.98
CA ASP B 139 -10.88 -29.61 19.77
C ASP B 139 -10.57 -28.15 19.43
N ASP B 140 -9.90 -27.88 18.30
CA ASP B 140 -9.61 -26.52 17.90
C ASP B 140 -9.80 -26.37 16.40
N VAL B 141 -9.54 -25.16 15.90
CA VAL B 141 -9.68 -24.84 14.48
C VAL B 141 -8.30 -24.46 13.97
N TYR B 142 -8.05 -24.77 12.69
CA TYR B 142 -6.73 -24.54 12.10
C TYR B 142 -6.88 -23.93 10.72
N LEU B 143 -5.99 -23.00 10.43
CA LEU B 143 -5.97 -22.34 9.13
C LEU B 143 -4.68 -22.72 8.43
N VAL B 144 -4.81 -23.24 7.20
CA VAL B 144 -3.68 -23.54 6.33
C VAL B 144 -3.64 -22.47 5.26
N ASP B 145 -2.56 -21.70 5.23
CA ASP B 145 -2.41 -20.61 4.27
C ASP B 145 -1.48 -21.06 3.15
N THR B 146 -2.04 -21.32 1.96
CA THR B 146 -1.25 -21.64 0.77
C THR B 146 -1.16 -20.46 -0.20
N TRP B 147 -1.31 -19.24 0.30
CA TRP B 147 -1.38 -18.02 -0.49
C TRP B 147 -2.66 -17.91 -1.33
N ASP B 148 -2.79 -18.75 -2.35
CA ASP B 148 -3.92 -18.65 -3.27
C ASP B 148 -5.18 -19.28 -2.69
N ASP B 149 -5.03 -20.28 -1.82
CA ASP B 149 -6.16 -20.94 -1.18
C ASP B 149 -5.93 -20.95 0.31
N ILE B 150 -7.01 -20.72 1.06
CA ILE B 150 -6.98 -20.79 2.51
C ILE B 150 -7.96 -21.89 2.95
N PHE B 151 -7.44 -22.90 3.63
CA PHE B 151 -8.26 -23.98 4.18
C PHE B 151 -8.50 -23.73 5.66
N VAL B 152 -9.76 -23.74 6.08
CA VAL B 152 -10.11 -23.68 7.49
C VAL B 152 -10.59 -25.06 7.90
N TRP B 153 -9.81 -25.72 8.74
CA TRP B 153 -10.07 -27.07 9.21
C TRP B 153 -10.68 -26.98 10.61
N ARG B 154 -11.89 -27.50 10.77
CA ARG B 154 -12.65 -27.36 12.01
C ARG B 154 -12.65 -28.71 12.70
N GLY B 155 -12.01 -28.78 13.87
CA GLY B 155 -11.97 -30.02 14.61
C GLY B 155 -13.37 -30.50 14.97
N LYS B 156 -13.49 -31.82 15.12
CA LYS B 156 -14.79 -32.39 15.48
C LYS B 156 -15.29 -31.90 16.84
N ASP B 157 -14.38 -31.50 17.73
CA ASP B 157 -14.78 -31.04 19.05
C ASP B 157 -14.55 -29.55 19.26
N ALA B 158 -14.38 -28.77 18.20
CA ALA B 158 -14.12 -27.35 18.35
C ALA B 158 -15.40 -26.60 18.70
N SER B 159 -15.23 -25.48 19.38
CA SER B 159 -16.38 -24.67 19.77
C SER B 159 -16.91 -23.88 18.58
N ALA B 160 -18.21 -23.54 18.65
CA ALA B 160 -18.79 -22.67 17.64
C ALA B 160 -18.04 -21.35 17.51
N ARG B 161 -17.55 -20.82 18.64
CA ARG B 161 -16.82 -19.57 18.58
C ARG B 161 -15.49 -19.72 17.84
N GLU B 162 -14.80 -20.85 18.00
CA GLU B 162 -13.54 -21.04 17.27
C GLU B 162 -13.78 -21.19 15.78
N LYS B 163 -14.85 -21.86 15.38
CA LYS B 163 -15.17 -21.96 13.95
C LYS B 163 -15.51 -20.59 13.37
N PHE B 164 -16.27 -19.80 14.12
CA PHE B 164 -16.59 -18.45 13.68
C PHE B 164 -15.31 -17.63 13.53
N ASP B 165 -14.41 -17.69 14.51
CA ASP B 165 -13.18 -16.92 14.46
C ASP B 165 -12.31 -17.34 13.28
N GLY B 166 -12.19 -18.65 13.05
CA GLY B 166 -11.34 -19.12 11.95
C GLY B 166 -11.80 -18.62 10.60
N THR B 167 -13.11 -18.63 10.36
CA THR B 167 -13.62 -18.11 9.08
C THR B 167 -13.37 -16.61 8.95
N MET B 168 -13.58 -15.86 10.03
CA MET B 168 -13.31 -14.42 9.95
C MET B 168 -11.85 -14.14 9.66
N LEU B 169 -10.94 -14.90 10.27
CA LEU B 169 -9.51 -14.70 10.00
C LEU B 169 -9.20 -15.01 8.55
N ALA B 170 -9.76 -16.10 8.02
CA ALA B 170 -9.58 -16.43 6.61
C ALA B 170 -10.10 -15.31 5.72
N ARG B 171 -11.25 -14.73 6.07
CA ARG B 171 -11.79 -13.61 5.29
C ARG B 171 -10.82 -12.44 5.26
N ARG B 172 -10.14 -12.18 6.38
CA ARG B 172 -9.25 -11.04 6.41
C ARG B 172 -7.96 -11.32 5.63
N TYR B 173 -7.48 -12.56 5.62
CA TYR B 173 -6.39 -12.92 4.72
C TYR B 173 -6.76 -12.66 3.26
N ASP B 174 -7.95 -13.09 2.85
CA ASP B 174 -8.38 -12.86 1.48
C ASP B 174 -8.50 -11.36 1.19
N ALA B 175 -9.01 -10.60 2.15
CA ALA B 175 -9.18 -9.17 1.94
C ALA B 175 -7.86 -8.46 1.76
N GLU B 176 -6.79 -8.91 2.42
CA GLU B 176 -5.52 -8.20 2.31
C GLU B 176 -4.71 -8.64 1.08
N ARG B 177 -5.16 -9.63 0.32
CA ARG B 177 -4.44 -10.10 -0.86
C ARG B 177 -5.24 -9.82 -2.11
N VAL B 178 -4.62 -9.12 -3.08
CA VAL B 178 -5.32 -8.77 -4.31
C VAL B 178 -5.78 -10.05 -5.02
N GLY B 179 -6.93 -9.96 -5.69
CA GLY B 179 -7.48 -11.10 -6.39
C GLY B 179 -8.21 -12.05 -5.46
N VAL B 180 -9.17 -12.80 -5.99
CA VAL B 180 -9.95 -13.71 -5.16
C VAL B 180 -9.06 -14.86 -4.70
N GLN B 181 -8.97 -15.04 -3.38
CA GLN B 181 -8.43 -16.25 -2.80
C GLN B 181 -9.61 -17.10 -2.35
N GLU B 182 -9.58 -18.39 -2.68
CA GLU B 182 -10.68 -19.26 -2.29
C GLU B 182 -10.54 -19.69 -0.84
N ILE B 183 -11.65 -19.62 -0.10
CA ILE B 183 -11.71 -20.08 1.28
C ILE B 183 -12.50 -21.38 1.29
N GLU B 184 -11.87 -22.47 1.72
CA GLU B 184 -12.48 -23.79 1.77
C GLU B 184 -12.65 -24.20 3.23
N LEU B 185 -13.91 -24.34 3.66
CA LEU B 185 -14.20 -24.82 5.01
C LEU B 185 -14.17 -26.34 5.02
N ILE B 186 -13.29 -26.90 5.85
CA ILE B 186 -13.01 -28.33 5.86
C ILE B 186 -13.46 -28.90 7.20
N GLU B 187 -14.13 -30.06 7.16
CA GLU B 187 -14.58 -30.71 8.38
C GLU B 187 -13.69 -31.90 8.70
N ASP B 188 -13.21 -31.94 9.95
CA ASP B 188 -12.52 -33.08 10.52
C ASP B 188 -13.23 -34.39 10.20
N GLY B 189 -12.55 -35.28 9.47
CA GLY B 189 -13.11 -36.55 9.08
C GLY B 189 -13.61 -36.62 7.66
N SER B 190 -13.74 -35.49 6.96
CA SER B 190 -14.17 -35.50 5.57
CA SER B 190 -14.19 -35.48 5.58
C SER B 190 -13.30 -34.56 4.74
N GLU B 191 -12.00 -34.61 4.98
CA GLU B 191 -11.07 -33.73 4.29
C GLU B 191 -10.93 -34.17 2.83
N PRO B 192 -11.01 -33.24 1.88
CA PRO B 192 -10.78 -33.59 0.48
C PRO B 192 -9.29 -33.70 0.17
N GLU B 193 -8.99 -34.45 -0.91
CA GLU B 193 -7.60 -34.72 -1.24
C GLU B 193 -6.78 -33.44 -1.42
N GLU B 194 -7.41 -32.40 -1.97
CA GLU B 194 -6.75 -31.11 -2.14
C GLU B 194 -6.17 -30.59 -0.84
N PHE B 195 -6.81 -30.91 0.30
CA PHE B 195 -6.35 -30.40 1.59
C PHE B 195 -5.11 -31.14 2.08
N TRP B 196 -5.08 -32.47 1.91
CA TRP B 196 -3.95 -33.25 2.41
C TRP B 196 -2.68 -32.96 1.63
N ARG B 197 -2.80 -32.62 0.34
CA ARG B 197 -1.63 -32.31 -0.48
C ARG B 197 -0.78 -31.20 0.13
N SER B 198 -1.41 -30.23 0.81
CA SER B 198 -0.68 -29.12 1.42
C SER B 198 0.28 -29.58 2.50
N PHE B 199 0.17 -30.81 2.98
CA PHE B 199 1.09 -31.34 3.96
C PHE B 199 2.14 -32.21 3.27
#